data_4KTF
#
_entry.id   4KTF
#
_cell.length_a   78.200
_cell.length_b   78.200
_cell.length_c   263.191
_cell.angle_alpha   90.00
_cell.angle_beta   90.00
_cell.angle_gamma   120.00
#
_symmetry.space_group_name_H-M   'P 65 2 2'
#
loop_
_entity.id
_entity.type
_entity.pdbx_description
1 polymer 'Cytochrome P450 121'
2 non-polymer 'PROTOPORPHYRIN IX CONTAINING FE'
3 non-polymer 'SULFATE ION'
4 non-polymer "4,4'-(3-amino-1H-pyrazole-4,5-diyl)diphenol"
5 water water
#
_entity_poly.entity_id   1
_entity_poly.type   'polypeptide(L)'
_entity_poly.pdbx_seq_one_letter_code
;TATVLLEVPFSARGDRIPDAVAELRTREPIRKVRTITGAEAWLVSSYALCTQVLEDRRFSMKETAAAGAPRLNALTVPPE
VVNNMGNIADAGLRKAVMKAITPKAPGLEQFLRDTANSLLDNLITEGAPADLRNDFADPLATALHCKVLGIPQEDGPKLF
RSLSIAFMSSADPIPAAKINWDRDIEYMAGILENPNITTGLMGELSRLRKDPAYSHVSDELFATIGVTFFGAGVISTGSF
LTTALISLIQRPQLRNLLHEKPELIPAGVEELLRINLSFADGLPRLATADIQVGDVLVRKGELVLVLLEGANFDPEHFPN
PGSIELDRPNPTSHLAFGRGQHFCPGSALGRRHAQIGIEALLKKMPGVDLAVPIDQLVWRTRFQRRIPERLPVLW
;
_entity_poly.pdbx_strand_id   A
#
# COMPACT_ATOMS: atom_id res chain seq x y z
C THR A 3 -24.46 22.12 0.38
N VAL A 4 -24.04 20.93 0.06
CA VAL A 4 -23.82 19.89 1.09
C VAL A 4 -22.39 20.01 1.72
N LEU A 5 -22.22 19.32 2.82
CA LEU A 5 -20.88 19.20 3.46
C LEU A 5 -19.87 18.50 2.47
N LEU A 6 -18.65 19.03 2.50
CA LEU A 6 -17.57 18.57 1.66
C LEU A 6 -17.42 17.06 1.72
N GLU A 7 -17.39 16.44 0.57
CA GLU A 7 -17.35 14.98 0.42
C GLU A 7 -15.91 14.46 0.14
N VAL A 8 -15.59 13.33 0.75
CA VAL A 8 -14.32 12.66 0.43
C VAL A 8 -14.59 11.31 -0.22
N PRO A 9 -13.71 10.78 -1.06
CA PRO A 9 -12.46 11.44 -1.50
C PRO A 9 -12.77 12.48 -2.56
N PHE A 10 -11.77 13.34 -2.81
CA PHE A 10 -11.93 14.43 -3.77
C PHE A 10 -11.72 14.00 -5.18
N SER A 11 -10.75 13.08 -5.43
CA SER A 11 -10.45 12.58 -6.82
C SER A 11 -9.69 11.28 -6.81
N ALA A 12 -10.12 10.37 -7.64
CA ALA A 12 -9.51 9.06 -7.80
C ALA A 12 -8.25 9.18 -8.68
N ARG A 13 -7.95 10.35 -9.27
CA ARG A 13 -6.72 10.45 -10.12
C ARG A 13 -5.48 10.37 -9.32
N GLY A 14 -4.50 9.53 -9.64
CA GLY A 14 -3.26 9.38 -8.90
C GLY A 14 -2.09 10.06 -9.55
N ASP A 15 -2.30 10.82 -10.59
CA ASP A 15 -1.25 11.55 -11.37
C ASP A 15 -1.08 12.99 -10.96
N ARG A 16 -1.98 13.52 -10.20
CA ARG A 16 -1.89 14.94 -9.74
C ARG A 16 -2.57 15.08 -8.44
N ILE A 17 -2.09 15.94 -7.55
CA ILE A 17 -2.80 16.30 -6.36
C ILE A 17 -3.82 17.48 -6.65
N PRO A 18 -5.07 17.38 -6.14
CA PRO A 18 -5.99 18.49 -6.30
C PRO A 18 -5.47 19.78 -5.63
N ASP A 19 -5.62 20.95 -6.30
CA ASP A 19 -5.30 22.24 -5.65
C ASP A 19 -6.00 22.40 -4.37
N ALA A 20 -7.17 21.82 -4.27
CA ALA A 20 -7.93 21.85 -3.07
C ALA A 20 -7.18 21.44 -1.79
N VAL A 21 -6.27 20.44 -1.94
CA VAL A 21 -5.57 19.97 -0.75
C VAL A 21 -4.75 21.14 -0.08
N ALA A 22 -3.99 21.87 -0.87
CA ALA A 22 -3.25 23.01 -0.26
C ALA A 22 -4.11 24.08 0.34
N GLU A 23 -5.25 24.34 -0.30
CA GLU A 23 -6.23 25.28 0.32
C GLU A 23 -6.79 24.86 1.62
N LEU A 24 -7.20 23.59 1.81
CA LEU A 24 -7.58 23.06 3.04
C LEU A 24 -6.51 23.11 4.05
N ARG A 25 -5.29 22.64 3.70
CA ARG A 25 -4.20 22.67 4.65
C ARG A 25 -3.96 24.12 5.22
N THR A 26 -3.99 25.08 4.33
CA THR A 26 -3.76 26.50 4.75
C THR A 26 -4.92 27.01 5.56
N ARG A 27 -6.15 26.75 5.18
CA ARG A 27 -7.37 27.38 5.74
C ARG A 27 -7.89 26.59 6.95
N GLU A 28 -7.89 25.25 6.87
CA GLU A 28 -8.62 24.43 7.79
C GLU A 28 -7.99 23.05 7.83
N PRO A 29 -6.82 22.93 8.46
CA PRO A 29 -6.05 21.68 8.38
C PRO A 29 -6.68 20.50 9.15
N ILE A 30 -7.70 20.80 9.89
CA ILE A 30 -8.64 19.77 10.32
C ILE A 30 -10.02 20.31 10.07
N ARG A 31 -10.85 19.56 9.30
CA ARG A 31 -12.23 20.05 9.00
C ARG A 31 -13.15 18.86 8.71
N LYS A 32 -14.40 19.19 8.85
CA LYS A 32 -15.40 18.13 8.77
C LYS A 32 -15.71 17.85 7.32
N VAL A 33 -15.90 16.54 7.05
CA VAL A 33 -16.26 16.04 5.79
C VAL A 33 -17.31 14.91 5.90
N ARG A 34 -17.84 14.52 4.73
CA ARG A 34 -18.74 13.40 4.66
C ARG A 34 -18.12 12.28 3.87
N THR A 35 -18.19 11.07 4.39
CA THR A 35 -17.64 9.92 3.65
C THR A 35 -18.68 9.24 2.74
N ILE A 36 -18.26 8.21 2.03
CA ILE A 36 -19.21 7.61 1.07
C ILE A 36 -20.35 6.91 1.76
N THR A 37 -20.20 6.61 3.07
CA THR A 37 -21.32 5.93 3.74
C THR A 37 -22.35 7.00 4.26
N GLY A 38 -22.10 8.28 4.18
CA GLY A 38 -22.89 9.34 4.79
C GLY A 38 -22.48 9.68 6.14
N ALA A 39 -21.45 9.02 6.69
CA ALA A 39 -20.90 9.43 7.99
C ALA A 39 -20.16 10.76 7.87
N GLU A 40 -20.10 11.46 9.01
CA GLU A 40 -19.21 12.63 9.15
C GLU A 40 -17.85 12.17 9.73
N ALA A 41 -16.80 12.93 9.35
CA ALA A 41 -15.42 12.63 9.78
C ALA A 41 -14.66 13.93 9.80
N TRP A 42 -13.54 13.87 10.56
CA TRP A 42 -12.57 14.94 10.50
C TRP A 42 -11.42 14.64 9.58
N LEU A 43 -11.22 15.43 8.57
CA LEU A 43 -10.14 15.27 7.61
C LEU A 43 -8.91 16.09 8.07
N VAL A 44 -7.78 15.45 8.31
CA VAL A 44 -6.56 16.09 8.79
C VAL A 44 -5.52 16.11 7.66
N SER A 45 -5.02 17.34 7.36
CA SER A 45 -4.25 17.51 6.20
C SER A 45 -2.89 18.29 6.31
N SER A 46 -2.44 18.60 7.53
CA SER A 46 -1.06 19.16 7.67
C SER A 46 -0.16 18.13 8.23
N TYR A 47 1.15 18.25 8.00
CA TYR A 47 2.13 17.33 8.53
C TYR A 47 2.03 17.30 10.09
N ALA A 48 1.93 18.49 10.70
CA ALA A 48 1.95 18.56 12.17
C ALA A 48 0.74 17.80 12.78
N LEU A 49 -0.45 18.01 12.21
CA LEU A 49 -1.68 17.39 12.75
C LEU A 49 -1.81 15.92 12.38
N CYS A 50 -1.31 15.52 11.19
CA CYS A 50 -1.32 14.11 10.81
C CYS A 50 -0.45 13.33 11.74
N THR A 51 0.82 13.84 12.00
CA THR A 51 1.70 13.21 12.91
C THR A 51 1.11 13.06 14.34
N GLN A 52 0.53 14.17 14.82
CA GLN A 52 -0.16 14.07 16.13
C GLN A 52 -1.15 12.90 16.27
N VAL A 53 -2.00 12.79 15.19
CA VAL A 53 -3.05 11.77 15.28
C VAL A 53 -2.44 10.38 15.26
N LEU A 54 -1.48 10.18 14.30
CA LEU A 54 -0.84 8.92 14.17
C LEU A 54 -0.01 8.42 15.38
N GLU A 55 0.52 9.39 16.12
CA GLU A 55 1.36 9.08 17.30
C GLU A 55 0.60 9.03 18.59
N ASP A 56 -0.72 9.22 18.56
CA ASP A 56 -1.53 9.24 19.79
C ASP A 56 -2.47 8.04 19.69
N ARG A 57 -2.23 6.97 20.42
CA ARG A 57 -2.99 5.74 20.24
C ARG A 57 -4.46 5.89 20.69
N ARG A 58 -4.77 6.97 21.38
CA ARG A 58 -6.17 7.21 21.69
C ARG A 58 -7.01 7.41 20.40
N PHE A 59 -6.40 7.77 19.31
CA PHE A 59 -7.00 7.70 17.95
C PHE A 59 -6.76 6.23 17.58
N SER A 60 -7.74 5.33 17.69
CA SER A 60 -7.57 3.87 17.57
C SER A 60 -7.86 3.35 16.17
N MET A 61 -7.03 2.48 15.65
CA MET A 61 -7.35 1.68 14.50
C MET A 61 -8.38 0.63 14.80
N LYS A 62 -8.15 -0.17 15.85
CA LYS A 62 -9.00 -1.26 16.17
C LYS A 62 -10.50 -0.81 16.32
N GLU A 63 -10.72 0.32 16.99
CA GLU A 63 -12.06 0.76 17.25
C GLU A 63 -12.86 1.22 16.05
N THR A 64 -12.15 1.48 14.96
CA THR A 64 -12.88 1.75 13.69
C THR A 64 -13.85 0.61 13.35
N ALA A 65 -13.64 -0.60 13.82
CA ALA A 65 -14.43 -1.76 13.43
C ALA A 65 -15.66 -1.91 14.34
N ALA A 66 -15.81 -1.08 15.34
CA ALA A 66 -16.95 -1.25 16.33
C ALA A 66 -18.29 -1.02 15.61
N ALA A 67 -19.24 -1.89 15.96
CA ALA A 67 -20.63 -1.74 15.46
C ALA A 67 -21.10 -0.38 15.85
N GLY A 68 -21.78 0.26 14.88
CA GLY A 68 -22.42 1.57 15.10
C GLY A 68 -21.51 2.79 15.00
N ALA A 69 -20.21 2.51 14.74
CA ALA A 69 -19.22 3.65 14.57
C ALA A 69 -19.55 4.35 13.23
N PRO A 70 -19.25 5.65 13.13
CA PRO A 70 -19.17 6.28 11.81
C PRO A 70 -18.11 5.61 10.99
N ARG A 71 -18.37 5.30 9.74
CA ARG A 71 -17.51 4.50 8.86
C ARG A 71 -17.04 5.28 7.71
N LEU A 72 -15.76 5.15 7.35
CA LEU A 72 -15.20 5.50 6.07
C LEU A 72 -15.80 4.69 4.96
N ASN A 73 -15.84 3.39 5.18
CA ASN A 73 -16.28 2.41 4.14
C ASN A 73 -16.68 1.15 4.86
N ALA A 74 -17.26 0.18 4.14
CA ALA A 74 -17.67 -1.08 4.71
C ALA A 74 -16.49 -2.01 4.87
N LEU A 75 -16.49 -2.85 5.90
CA LEU A 75 -15.43 -3.88 6.04
C LEU A 75 -15.47 -4.88 4.94
N THR A 76 -14.30 -5.29 4.43
CA THR A 76 -14.13 -6.43 3.57
C THR A 76 -13.42 -7.61 4.23
N VAL A 77 -13.14 -7.44 5.51
CA VAL A 77 -12.46 -8.47 6.38
C VAL A 77 -13.33 -8.65 7.57
N PRO A 78 -13.15 -9.75 8.30
CA PRO A 78 -13.81 -9.84 9.63
C PRO A 78 -13.37 -8.73 10.51
N PRO A 79 -14.29 -8.25 11.42
CA PRO A 79 -13.90 -7.10 12.24
C PRO A 79 -12.65 -7.28 13.12
N GLU A 80 -12.45 -8.52 13.61
CA GLU A 80 -11.21 -8.80 14.40
C GLU A 80 -9.95 -8.66 13.64
N VAL A 81 -10.02 -8.74 12.32
CA VAL A 81 -8.84 -8.60 11.45
C VAL A 81 -8.38 -7.16 11.35
N VAL A 82 -9.22 -6.19 11.64
CA VAL A 82 -8.75 -4.79 11.71
C VAL A 82 -7.66 -4.68 12.73
N ASN A 83 -7.69 -5.48 13.79
CA ASN A 83 -6.63 -5.52 14.77
C ASN A 83 -5.52 -6.58 14.44
N ASN A 84 -5.29 -6.86 13.17
CA ASN A 84 -4.38 -7.95 12.77
C ASN A 84 -3.05 -7.83 13.40
N MET A 85 -2.44 -6.66 13.47
CA MET A 85 -1.12 -6.59 14.09
C MET A 85 -1.15 -6.80 15.59
N GLY A 86 -2.17 -6.34 16.30
CA GLY A 86 -2.33 -6.61 17.62
C GLY A 86 -2.49 -8.09 17.88
N ASN A 87 -3.30 -8.78 17.03
CA ASN A 87 -3.52 -10.22 17.16
C ASN A 87 -2.17 -10.95 16.92
N ILE A 88 -1.39 -10.54 15.93
CA ILE A 88 -0.05 -11.13 15.71
C ILE A 88 0.83 -10.93 16.88
N ALA A 89 0.88 -9.74 17.45
CA ALA A 89 1.71 -9.51 18.66
C ALA A 89 1.26 -10.30 19.81
N ASP A 90 -0.02 -10.36 20.11
CA ASP A 90 -0.56 -11.16 21.17
C ASP A 90 -0.25 -12.64 21.12
N ALA A 91 -0.12 -13.19 19.88
CA ALA A 91 0.24 -14.60 19.66
C ALA A 91 1.77 -14.85 19.77
N GLY A 92 2.51 -13.80 19.96
CA GLY A 92 3.96 -13.86 20.10
C GLY A 92 4.64 -14.04 18.77
N LEU A 93 4.00 -13.63 17.64
CA LEU A 93 4.49 -13.89 16.30
C LEU A 93 5.09 -12.70 15.58
N ARG A 94 5.08 -11.54 16.22
CA ARG A 94 5.55 -10.30 15.50
C ARG A 94 6.99 -10.38 15.00
N LYS A 95 7.90 -10.86 15.83
CA LYS A 95 9.27 -10.89 15.36
C LYS A 95 9.45 -11.81 14.22
N ALA A 96 8.83 -12.99 14.26
CA ALA A 96 8.97 -13.96 13.23
C ALA A 96 8.36 -13.49 11.93
N VAL A 97 7.18 -12.86 12.05
CA VAL A 97 6.60 -12.33 10.79
C VAL A 97 7.45 -11.22 10.17
N MET A 98 7.90 -10.32 11.04
CA MET A 98 8.72 -9.19 10.50
C MET A 98 9.95 -9.71 9.88
N LYS A 99 10.60 -10.74 10.44
CA LYS A 99 11.82 -11.30 9.89
C LYS A 99 11.61 -11.95 8.56
N ALA A 100 10.46 -12.64 8.42
CA ALA A 100 10.21 -13.34 7.17
C ALA A 100 9.89 -12.37 5.99
N ILE A 101 9.54 -11.16 6.25
CA ILE A 101 9.11 -10.26 5.13
C ILE A 101 10.16 -9.17 4.85
N THR A 102 11.35 -9.30 5.40
CA THR A 102 12.44 -8.42 4.98
C THR A 102 13.04 -8.82 3.63
N PRO A 103 13.53 -7.82 2.88
CA PRO A 103 14.11 -8.18 1.59
C PRO A 103 15.49 -8.83 1.67
N LYS A 104 15.84 -9.32 2.85
CA LYS A 104 17.23 -9.77 3.17
C LYS A 104 17.50 -11.25 3.01
N ALA A 105 16.49 -12.07 2.87
CA ALA A 105 16.71 -13.49 2.71
C ALA A 105 17.62 -13.73 1.51
N PRO A 106 18.66 -14.58 1.69
CA PRO A 106 19.46 -15.09 0.55
C PRO A 106 18.62 -15.42 -0.70
N GLY A 107 19.10 -14.87 -1.80
CA GLY A 107 18.53 -15.06 -3.14
C GLY A 107 17.32 -14.14 -3.45
N LEU A 108 16.69 -13.53 -2.44
CA LEU A 108 15.36 -12.88 -2.67
C LEU A 108 15.59 -11.71 -3.64
N GLU A 109 16.56 -10.83 -3.43
CA GLU A 109 16.83 -9.72 -4.32
C GLU A 109 17.16 -10.19 -5.76
N GLN A 110 17.89 -11.33 -5.88
CA GLN A 110 18.28 -11.84 -7.18
C GLN A 110 17.01 -12.35 -7.83
N PHE A 111 16.15 -12.96 -7.05
CA PHE A 111 14.90 -13.49 -7.63
C PHE A 111 14.07 -12.30 -8.17
N LEU A 112 14.03 -11.21 -7.44
CA LEU A 112 13.26 -9.99 -7.86
C LEU A 112 13.82 -9.44 -9.17
N ARG A 113 15.16 -9.37 -9.30
CA ARG A 113 15.80 -8.91 -10.45
C ARG A 113 15.55 -9.77 -11.65
N ASP A 114 15.71 -11.08 -11.44
CA ASP A 114 15.47 -12.04 -12.46
C ASP A 114 14.04 -11.98 -13.01
N THR A 115 13.09 -11.84 -12.05
CA THR A 115 11.65 -11.81 -12.41
C THR A 115 11.37 -10.51 -13.23
N ALA A 116 11.81 -9.42 -12.68
CA ALA A 116 11.65 -8.10 -13.42
C ALA A 116 12.20 -8.17 -14.81
N ASN A 117 13.42 -8.74 -14.95
CA ASN A 117 14.02 -8.82 -16.26
C ASN A 117 13.30 -9.73 -17.18
N SER A 118 12.82 -10.88 -16.70
CA SER A 118 12.10 -11.76 -17.54
CA SER A 118 12.06 -11.77 -17.55
C SER A 118 10.75 -11.08 -18.04
N LEU A 119 10.01 -10.44 -17.11
CA LEU A 119 8.76 -9.77 -17.49
C LEU A 119 9.09 -8.70 -18.59
N LEU A 120 10.11 -7.91 -18.38
CA LEU A 120 10.53 -6.91 -19.34
C LEU A 120 10.98 -7.48 -20.69
N ASP A 121 11.67 -8.64 -20.66
CA ASP A 121 12.06 -9.24 -21.92
C ASP A 121 10.82 -9.67 -22.66
N ASN A 122 9.85 -10.19 -21.94
CA ASN A 122 8.65 -10.65 -22.57
C ASN A 122 7.83 -9.55 -23.25
N LEU A 123 7.83 -8.41 -22.60
CA LEU A 123 7.15 -7.19 -23.23
C LEU A 123 7.89 -6.67 -24.45
N ILE A 124 9.22 -6.72 -24.42
CA ILE A 124 10.01 -6.28 -25.59
C ILE A 124 9.80 -7.26 -26.72
N THR A 125 9.79 -8.59 -26.44
CA THR A 125 9.55 -9.60 -27.48
C THR A 125 8.24 -9.32 -28.16
N GLU A 126 7.24 -9.00 -27.39
CA GLU A 126 5.89 -8.88 -27.83
C GLU A 126 5.73 -7.52 -28.61
N GLY A 127 6.52 -6.51 -28.28
CA GLY A 127 6.41 -5.26 -28.96
C GLY A 127 5.49 -4.25 -28.28
N ALA A 128 5.80 -2.98 -28.46
CA ALA A 128 4.89 -1.86 -27.94
C ALA A 128 3.57 -1.79 -28.62
N PRO A 129 2.50 -1.39 -27.94
CA PRO A 129 2.47 -0.90 -26.56
C PRO A 129 2.50 -2.05 -25.56
N ALA A 130 3.02 -1.75 -24.37
CA ALA A 130 3.01 -2.70 -23.24
C ALA A 130 2.22 -2.07 -22.10
N ASP A 131 1.60 -2.89 -21.31
CA ASP A 131 0.80 -2.42 -20.16
C ASP A 131 1.68 -2.62 -18.90
N LEU A 132 2.31 -1.61 -18.31
CA LEU A 132 3.20 -1.78 -17.21
C LEU A 132 2.50 -2.05 -15.91
N ARG A 133 1.20 -1.91 -15.78
CA ARG A 133 0.53 -2.40 -14.59
C ARG A 133 0.28 -3.87 -14.73
N ASN A 134 -0.57 -4.29 -15.66
CA ASN A 134 -1.05 -5.67 -15.65
C ASN A 134 0.04 -6.59 -16.07
N ASP A 135 1.03 -6.18 -16.82
CA ASP A 135 2.10 -7.04 -17.37
C ASP A 135 3.47 -6.74 -16.83
N PHE A 136 3.58 -5.93 -15.82
CA PHE A 136 4.88 -5.72 -15.19
C PHE A 136 4.70 -5.54 -13.66
N ALA A 137 4.18 -4.42 -13.23
CA ALA A 137 4.22 -4.09 -11.78
C ALA A 137 3.45 -5.11 -10.97
N ASP A 138 2.26 -5.44 -11.35
CA ASP A 138 1.39 -6.34 -10.56
C ASP A 138 1.92 -7.77 -10.62
N PRO A 139 2.37 -8.30 -11.76
CA PRO A 139 2.99 -9.64 -11.70
C PRO A 139 4.29 -9.61 -10.92
N LEU A 140 5.06 -8.55 -10.93
CA LEU A 140 6.28 -8.50 -10.14
C LEU A 140 5.91 -8.62 -8.62
N ALA A 141 4.92 -7.78 -8.25
CA ALA A 141 4.41 -7.82 -6.88
C ALA A 141 3.92 -9.21 -6.48
N THR A 142 3.18 -9.89 -7.33
CA THR A 142 2.54 -11.16 -7.05
C THR A 142 3.68 -12.17 -6.92
N ALA A 143 4.63 -12.21 -7.88
CA ALA A 143 5.74 -13.17 -7.79
C ALA A 143 6.53 -12.92 -6.52
N LEU A 144 6.85 -11.70 -6.18
CA LEU A 144 7.61 -11.40 -4.96
C LEU A 144 6.90 -11.99 -3.74
N HIS A 145 5.61 -11.79 -3.62
CA HIS A 145 4.85 -12.24 -2.47
C HIS A 145 4.70 -13.75 -2.46
N CYS A 146 4.58 -14.43 -3.57
CA CYS A 146 4.65 -15.88 -3.49
C CYS A 146 5.99 -16.31 -2.95
N LYS A 147 7.10 -15.74 -3.39
CA LYS A 147 8.41 -16.12 -2.92
C LYS A 147 8.56 -15.82 -1.43
N VAL A 148 8.16 -14.67 -0.98
CA VAL A 148 8.25 -14.27 0.40
C VAL A 148 7.36 -15.21 1.26
N LEU A 149 6.17 -15.58 0.80
CA LEU A 149 5.38 -16.48 1.57
C LEU A 149 5.87 -17.96 1.53
N GLY A 150 6.63 -18.35 0.52
CA GLY A 150 7.04 -19.72 0.29
C GLY A 150 6.04 -20.51 -0.38
N ILE A 151 5.05 -19.96 -1.14
CA ILE A 151 3.98 -20.67 -1.85
C ILE A 151 4.26 -20.81 -3.32
N PRO A 152 3.64 -21.75 -3.98
CA PRO A 152 3.92 -21.92 -5.39
C PRO A 152 3.62 -20.66 -6.22
N GLN A 153 4.54 -20.32 -7.09
CA GLN A 153 4.32 -19.21 -8.07
C GLN A 153 3.08 -19.36 -8.85
N GLU A 154 2.70 -20.58 -9.24
CA GLU A 154 1.52 -20.76 -10.05
C GLU A 154 0.19 -20.46 -9.32
N ASP A 155 0.24 -20.39 -8.00
CA ASP A 155 -0.95 -20.02 -7.19
C ASP A 155 -1.10 -18.49 -7.08
N GLY A 156 -0.10 -17.73 -7.50
CA GLY A 156 -0.19 -16.27 -7.42
C GLY A 156 -1.38 -15.62 -8.12
N PRO A 157 -1.60 -15.94 -9.39
CA PRO A 157 -2.66 -15.29 -10.14
C PRO A 157 -4.02 -15.43 -9.55
N LYS A 158 -4.45 -16.57 -9.08
CA LYS A 158 -5.81 -16.69 -8.52
CA LYS A 158 -5.81 -16.69 -8.51
C LYS A 158 -5.90 -15.89 -7.24
N LEU A 159 -4.85 -15.96 -6.37
CA LEU A 159 -4.82 -15.10 -5.18
C LEU A 159 -4.91 -13.64 -5.55
N PHE A 160 -4.13 -13.18 -6.51
CA PHE A 160 -4.19 -11.80 -6.96
C PHE A 160 -5.58 -11.39 -7.41
N ARG A 161 -6.31 -12.27 -8.09
CA ARG A 161 -7.60 -11.84 -8.64
C ARG A 161 -8.63 -11.57 -7.60
N SER A 162 -8.43 -11.96 -6.34
CA SER A 162 -9.30 -11.53 -5.29
C SER A 162 -9.17 -10.04 -5.01
N LEU A 163 -8.07 -9.39 -5.37
CA LEU A 163 -7.76 -8.10 -4.82
C LEU A 163 -8.51 -6.88 -5.32
N SER A 164 -9.04 -7.00 -6.51
CA SER A 164 -9.88 -5.93 -7.08
C SER A 164 -11.23 -5.80 -6.38
N ILE A 165 -11.58 -6.74 -5.54
CA ILE A 165 -12.74 -6.68 -4.67
C ILE A 165 -12.26 -6.49 -3.26
N ALA A 166 -11.21 -7.18 -2.80
CA ALA A 166 -10.77 -7.11 -1.43
C ALA A 166 -10.38 -5.75 -0.96
N PHE A 167 -9.81 -4.96 -1.86
CA PHE A 167 -9.42 -3.60 -1.54
C PHE A 167 -10.36 -2.55 -2.06
N MET A 168 -11.62 -2.92 -2.30
CA MET A 168 -12.65 -1.90 -2.53
C MET A 168 -12.89 -1.01 -1.31
N SER A 169 -13.29 0.23 -1.61
CA SER A 169 -13.69 1.25 -0.64
C SER A 169 -15.14 1.60 -0.86
N SER A 170 -16.04 0.75 -0.36
CA SER A 170 -17.50 0.66 -0.73
C SER A 170 -18.33 1.26 0.40
N ALA A 171 -19.48 1.80 0.05
CA ALA A 171 -20.40 2.26 1.08
C ALA A 171 -21.06 1.10 1.80
N ASP A 172 -21.19 -0.06 1.18
CA ASP A 172 -21.93 -1.20 1.62
C ASP A 172 -21.12 -2.48 1.60
N PRO A 173 -21.50 -3.48 2.40
CA PRO A 173 -20.82 -4.79 2.34
C PRO A 173 -20.84 -5.36 0.98
N ILE A 174 -19.84 -6.16 0.62
CA ILE A 174 -19.62 -6.67 -0.69
C ILE A 174 -19.71 -8.19 -0.66
N PRO A 175 -20.76 -8.79 -1.24
CA PRO A 175 -20.92 -10.26 -1.17
C PRO A 175 -19.71 -11.03 -1.70
N ALA A 176 -19.13 -10.61 -2.82
CA ALA A 176 -17.92 -11.29 -3.35
C ALA A 176 -16.73 -11.25 -2.38
N ALA A 177 -16.65 -10.28 -1.55
CA ALA A 177 -15.46 -10.14 -0.64
C ALA A 177 -15.46 -11.32 0.30
N LYS A 178 -16.66 -11.73 0.80
CA LYS A 178 -16.75 -12.89 1.67
C LYS A 178 -16.44 -14.19 0.96
N ILE A 179 -16.93 -14.36 -0.27
CA ILE A 179 -16.67 -15.55 -1.05
C ILE A 179 -15.15 -15.75 -1.23
N ASN A 180 -14.46 -14.65 -1.64
CA ASN A 180 -13.03 -14.74 -1.92
C ASN A 180 -12.25 -14.90 -0.62
N TRP A 181 -12.65 -14.24 0.45
CA TRP A 181 -11.97 -14.34 1.78
C TRP A 181 -12.02 -15.75 2.20
N ASP A 182 -13.19 -16.35 2.18
CA ASP A 182 -13.27 -17.78 2.68
C ASP A 182 -12.49 -18.70 1.82
N ARG A 183 -12.48 -18.54 0.53
CA ARG A 183 -11.70 -19.38 -0.32
C ARG A 183 -10.24 -19.21 -0.07
N ASP A 184 -9.73 -18.00 0.13
CA ASP A 184 -8.34 -17.70 0.28
C ASP A 184 -7.85 -18.14 1.68
N ILE A 185 -8.71 -18.08 2.68
CA ILE A 185 -8.36 -18.66 3.97
C ILE A 185 -8.25 -20.13 3.82
N GLU A 186 -9.09 -20.80 3.15
CA GLU A 186 -9.02 -22.26 2.98
C GLU A 186 -7.73 -22.63 2.28
N TYR A 187 -7.35 -21.93 1.26
CA TYR A 187 -6.05 -22.16 0.62
C TYR A 187 -4.91 -22.03 1.58
N MET A 188 -4.83 -21.00 2.39
CA MET A 188 -3.75 -20.80 3.28
C MET A 188 -3.78 -21.82 4.38
N ALA A 189 -4.95 -22.26 4.82
CA ALA A 189 -4.99 -23.40 5.77
C ALA A 189 -4.41 -24.63 5.14
N GLY A 190 -4.67 -24.91 3.90
CA GLY A 190 -4.08 -26.04 3.23
C GLY A 190 -2.60 -25.91 3.14
N ILE A 191 -2.06 -24.74 2.86
CA ILE A 191 -0.66 -24.54 2.85
C ILE A 191 -0.03 -24.85 4.15
N LEU A 192 -0.61 -24.53 5.27
CA LEU A 192 0.00 -24.83 6.55
C LEU A 192 0.12 -26.34 6.77
N GLU A 193 -0.76 -27.13 6.16
CA GLU A 193 -0.79 -28.59 6.28
C GLU A 193 0.02 -29.27 5.16
N ASN A 194 0.62 -28.54 4.24
CA ASN A 194 1.31 -29.10 3.11
C ASN A 194 2.81 -29.24 3.40
N PRO A 195 3.32 -30.53 3.43
CA PRO A 195 4.76 -30.74 3.78
C PRO A 195 5.74 -30.18 2.88
N ASN A 196 5.38 -29.86 1.66
CA ASN A 196 6.28 -29.21 0.72
C ASN A 196 6.57 -27.73 1.02
N ILE A 197 5.80 -27.12 1.92
CA ILE A 197 5.96 -25.73 2.13
C ILE A 197 6.81 -25.55 3.37
N THR A 198 8.08 -25.24 3.17
CA THR A 198 9.12 -25.19 4.19
C THR A 198 9.95 -23.97 4.26
N THR A 199 9.64 -23.03 3.33
CA THR A 199 10.36 -21.80 3.24
C THR A 199 9.46 -20.57 3.32
N GLY A 200 10.02 -19.43 3.48
CA GLY A 200 9.21 -18.19 3.54
C GLY A 200 8.40 -18.04 4.79
N LEU A 201 7.46 -17.12 4.75
CA LEU A 201 6.62 -16.77 5.89
C LEU A 201 5.69 -17.99 6.21
N MET A 202 5.05 -18.60 5.23
CA MET A 202 4.22 -19.80 5.46
C MET A 202 5.00 -20.98 5.96
N GLY A 203 6.24 -21.14 5.46
CA GLY A 203 7.07 -22.33 5.98
C GLY A 203 7.39 -22.05 7.44
N GLU A 204 7.68 -20.82 7.87
CA GLU A 204 8.01 -20.47 9.21
C GLU A 204 6.78 -20.62 10.09
N LEU A 205 5.61 -20.07 9.68
CA LEU A 205 4.41 -20.26 10.41
C LEU A 205 4.04 -21.70 10.55
N SER A 206 4.23 -22.50 9.51
CA SER A 206 3.95 -23.85 9.64
C SER A 206 4.79 -24.53 10.69
N ARG A 207 6.05 -24.25 10.85
CA ARG A 207 6.89 -24.83 11.92
C ARG A 207 6.38 -24.32 13.25
N LEU A 208 6.11 -23.00 13.42
CA LEU A 208 5.78 -22.49 14.70
C LEU A 208 4.44 -23.07 15.17
N ARG A 209 3.57 -23.33 14.21
CA ARG A 209 2.26 -23.94 14.53
C ARG A 209 2.43 -25.26 15.27
N LYS A 210 3.48 -26.01 14.97
CA LYS A 210 3.68 -27.32 15.63
C LYS A 210 4.65 -27.26 16.76
N ASP A 211 5.11 -26.12 17.17
CA ASP A 211 6.00 -25.87 18.30
C ASP A 211 5.13 -25.67 19.51
N PRO A 212 5.48 -26.29 20.68
CA PRO A 212 4.70 -26.12 21.94
C PRO A 212 4.51 -24.73 22.41
N ALA A 213 5.37 -23.82 22.12
CA ALA A 213 5.15 -22.44 22.55
C ALA A 213 4.00 -21.72 21.78
N TYR A 214 3.45 -22.33 20.75
CA TYR A 214 2.41 -21.72 19.94
C TYR A 214 1.24 -22.68 19.82
N SER A 215 1.08 -23.67 20.72
CA SER A 215 0.05 -24.64 20.59
C SER A 215 -1.42 -24.10 20.73
N HIS A 216 -1.53 -22.96 21.38
CA HIS A 216 -2.86 -22.32 21.56
C HIS A 216 -3.06 -21.14 20.67
N VAL A 217 -2.28 -20.97 19.63
CA VAL A 217 -2.53 -19.95 18.61
C VAL A 217 -3.42 -20.60 17.62
N SER A 218 -4.50 -19.87 17.18
CA SER A 218 -5.41 -20.49 16.35
C SER A 218 -5.01 -20.73 14.92
N ASP A 219 -5.51 -21.77 14.32
CA ASP A 219 -5.30 -22.05 12.93
C ASP A 219 -5.87 -20.87 12.06
N GLU A 220 -6.94 -20.27 12.57
CA GLU A 220 -7.52 -19.18 11.85
C GLU A 220 -6.55 -18.00 11.79
N LEU A 221 -5.88 -17.67 12.88
CA LEU A 221 -4.89 -16.54 12.85
C LEU A 221 -3.76 -16.90 11.88
N PHE A 222 -3.24 -18.14 11.91
CA PHE A 222 -2.13 -18.48 11.00
C PHE A 222 -2.53 -18.29 9.51
N ALA A 223 -3.72 -18.76 9.15
CA ALA A 223 -4.21 -18.59 7.81
C ALA A 223 -4.41 -17.11 7.46
N THR A 224 -4.98 -16.39 8.42
CA THR A 224 -5.26 -14.96 8.22
C THR A 224 -3.99 -14.20 7.96
N ILE A 225 -2.88 -14.48 8.65
CA ILE A 225 -1.61 -13.82 8.36
C ILE A 225 -1.21 -13.99 6.92
N GLY A 226 -1.26 -15.15 6.39
CA GLY A 226 -0.99 -15.46 5.01
C GLY A 226 -1.84 -14.64 4.05
N VAL A 227 -3.16 -14.64 4.28
CA VAL A 227 -4.07 -13.94 3.35
C VAL A 227 -3.81 -12.46 3.40
N THR A 228 -3.74 -11.89 4.60
CA THR A 228 -3.65 -10.46 4.75
C THR A 228 -2.32 -9.91 4.32
N PHE A 229 -1.19 -10.63 4.60
CA PHE A 229 0.13 -10.15 4.19
C PHE A 229 0.30 -10.27 2.68
N PHE A 230 -0.18 -11.32 2.09
CA PHE A 230 -0.25 -11.41 0.57
C PHE A 230 -1.01 -10.26 0.00
N GLY A 231 -2.23 -10.00 0.54
CA GLY A 231 -3.09 -8.98 -0.11
C GLY A 231 -2.59 -7.58 0.12
N ALA A 232 -2.24 -7.22 1.34
CA ALA A 232 -1.74 -5.92 1.59
C ALA A 232 -0.43 -5.64 0.88
N GLY A 233 0.47 -6.65 0.87
CA GLY A 233 1.73 -6.42 0.25
C GLY A 233 1.55 -6.30 -1.26
N VAL A 234 0.84 -7.19 -1.91
CA VAL A 234 0.66 -7.16 -3.35
C VAL A 234 -0.03 -5.87 -3.82
N ILE A 235 -1.14 -5.56 -3.15
CA ILE A 235 -1.85 -4.38 -3.60
C ILE A 235 -0.99 -3.14 -3.42
N SER A 236 -0.26 -3.08 -2.33
CA SER A 236 0.46 -1.84 -1.98
C SER A 236 1.72 -1.67 -2.85
N THR A 237 2.49 -2.74 -3.07
CA THR A 237 3.69 -2.69 -3.89
C THR A 237 3.29 -2.55 -5.37
N GLY A 238 2.30 -3.29 -5.84
CA GLY A 238 1.92 -3.16 -7.20
C GLY A 238 1.35 -1.79 -7.55
N SER A 239 0.57 -1.24 -6.68
CA SER A 239 -0.05 0.09 -6.88
C SER A 239 1.01 1.14 -6.75
N PHE A 240 1.88 1.09 -5.74
CA PHE A 240 2.90 2.09 -5.61
C PHE A 240 3.86 2.09 -6.79
N LEU A 241 4.35 0.95 -7.20
CA LEU A 241 5.26 0.87 -8.29
C LEU A 241 4.56 1.44 -9.54
N THR A 242 3.33 1.16 -9.82
CA THR A 242 2.62 1.64 -11.02
C THR A 242 2.58 3.12 -11.01
N THR A 243 2.15 3.75 -9.91
CA THR A 243 2.01 5.19 -9.94
C THR A 243 3.40 5.88 -9.88
N ALA A 244 4.39 5.33 -9.24
CA ALA A 244 5.76 5.78 -9.32
C ALA A 244 6.27 5.77 -10.74
N LEU A 245 6.05 4.72 -11.53
CA LEU A 245 6.49 4.69 -12.88
C LEU A 245 5.86 5.88 -13.68
N ILE A 246 4.59 6.25 -13.43
CA ILE A 246 3.94 7.42 -14.07
C ILE A 246 4.76 8.62 -13.72
N SER A 247 5.08 8.83 -12.44
CA SER A 247 5.81 10.04 -11.99
C SER A 247 7.16 10.07 -12.60
N LEU A 248 7.86 9.00 -12.78
CA LEU A 248 9.15 8.95 -13.45
C LEU A 248 9.02 9.24 -14.90
N ILE A 249 8.05 8.60 -15.57
CA ILE A 249 7.88 8.77 -17.04
C ILE A 249 7.60 10.18 -17.31
N GLN A 250 6.90 10.92 -16.46
CA GLN A 250 6.64 12.32 -16.73
CA GLN A 250 6.56 12.37 -16.57
C GLN A 250 7.70 13.34 -16.25
N ARG A 251 8.81 12.78 -15.83
CA ARG A 251 10.06 13.55 -15.47
C ARG A 251 11.21 12.97 -16.18
N PRO A 252 11.25 13.19 -17.52
CA PRO A 252 12.29 12.66 -18.25
C PRO A 252 13.84 12.91 -17.85
N GLN A 253 14.01 14.11 -17.35
CA GLN A 253 15.32 14.60 -16.80
C GLN A 253 15.75 13.63 -15.60
N LEU A 254 14.74 13.31 -14.75
CA LEU A 254 14.94 12.41 -13.64
C LEU A 254 15.15 10.98 -14.08
N ARG A 255 14.30 10.48 -15.01
CA ARG A 255 14.44 9.19 -15.58
C ARG A 255 15.82 9.03 -16.14
N ASN A 256 16.30 10.07 -16.86
CA ASN A 256 17.65 9.99 -17.46
C ASN A 256 18.76 10.02 -16.41
N LEU A 257 18.57 10.82 -15.37
CA LEU A 257 19.54 10.84 -14.24
C LEU A 257 19.71 9.48 -13.53
N LEU A 258 18.57 8.84 -13.24
CA LEU A 258 18.57 7.56 -12.59
C LEU A 258 19.09 6.52 -13.48
N HIS A 259 18.76 6.65 -14.77
CA HIS A 259 19.34 5.68 -15.75
C HIS A 259 20.90 5.81 -15.77
N GLU A 260 21.35 7.02 -15.76
CA GLU A 260 22.81 7.34 -15.90
C GLU A 260 23.58 6.97 -14.62
N LYS A 261 22.93 7.17 -13.44
CA LYS A 261 23.52 7.01 -12.10
C LYS A 261 22.56 6.22 -11.20
N PRO A 262 22.45 4.89 -11.43
CA PRO A 262 21.53 4.06 -10.73
C PRO A 262 21.76 3.99 -9.22
N GLU A 263 22.92 4.46 -8.72
CA GLU A 263 23.15 4.52 -7.29
C GLU A 263 22.21 5.55 -6.61
N LEU A 264 21.61 6.44 -7.39
CA LEU A 264 20.70 7.43 -6.82
C LEU A 264 19.21 6.87 -6.82
N ILE A 265 19.01 5.69 -7.28
CA ILE A 265 17.66 5.12 -7.30
C ILE A 265 17.08 5.05 -5.90
N PRO A 266 17.78 4.64 -4.85
CA PRO A 266 17.16 4.61 -3.51
C PRO A 266 16.72 5.97 -3.14
N ALA A 267 17.46 7.06 -3.34
CA ALA A 267 16.96 8.40 -3.05
C ALA A 267 15.76 8.80 -3.91
N GLY A 268 15.81 8.41 -5.16
CA GLY A 268 14.63 8.73 -6.03
C GLY A 268 13.44 7.95 -5.57
N VAL A 269 13.55 6.70 -5.19
CA VAL A 269 12.37 5.95 -4.69
C VAL A 269 11.85 6.54 -3.46
N GLU A 270 12.67 7.12 -2.54
CA GLU A 270 12.21 7.69 -1.39
C GLU A 270 11.37 8.97 -1.69
N GLU A 271 11.81 9.77 -2.62
CA GLU A 271 11.00 10.91 -3.11
C GLU A 271 9.69 10.44 -3.81
N LEU A 272 9.80 9.38 -4.55
CA LEU A 272 8.58 8.82 -5.22
C LEU A 272 7.59 8.36 -4.16
N LEU A 273 8.09 7.79 -3.08
CA LEU A 273 7.22 7.49 -1.94
C LEU A 273 6.62 8.72 -1.37
N ARG A 274 7.37 9.78 -1.08
CA ARG A 274 6.90 10.99 -0.51
C ARG A 274 5.74 11.56 -1.36
N ILE A 275 5.89 11.60 -2.66
CA ILE A 275 4.91 12.24 -3.53
C ILE A 275 3.78 11.28 -3.91
N ASN A 276 3.78 10.07 -3.43
CA ASN A 276 2.80 9.04 -3.99
C ASN A 276 1.42 9.31 -3.51
N LEU A 277 0.51 9.17 -4.50
CA LEU A 277 -0.94 9.28 -4.26
C LEU A 277 -1.63 7.95 -4.24
N SER A 278 -0.99 6.86 -3.99
CA SER A 278 -1.57 5.53 -4.02
C SER A 278 -2.73 5.38 -3.05
N PHE A 279 -2.64 5.90 -1.84
CA PHE A 279 -3.76 5.72 -0.88
C PHE A 279 -4.87 6.61 -1.23
N ALA A 280 -6.03 6.01 -1.58
CA ALA A 280 -7.17 6.77 -2.04
C ALA A 280 -7.96 7.50 -0.97
N ASP A 281 -7.86 7.06 0.25
CA ASP A 281 -8.55 7.65 1.37
C ASP A 281 -7.60 7.98 2.51
N GLY A 282 -7.93 8.93 3.33
CA GLY A 282 -7.19 9.10 4.58
C GLY A 282 -7.19 7.81 5.34
N LEU A 283 -6.19 7.64 6.25
CA LEU A 283 -6.12 6.51 7.11
C LEU A 283 -7.18 6.74 8.26
N PRO A 284 -8.08 5.78 8.52
CA PRO A 284 -9.11 6.03 9.50
C PRO A 284 -8.64 5.65 10.92
N ARG A 285 -9.13 6.43 11.85
CA ARG A 285 -8.96 6.18 13.30
C ARG A 285 -10.25 6.62 14.00
N LEU A 286 -10.56 6.01 15.13
CA LEU A 286 -11.74 6.41 15.93
C LEU A 286 -11.23 7.03 17.22
N ALA A 287 -11.68 8.21 17.58
CA ALA A 287 -11.30 8.81 18.86
C ALA A 287 -11.87 8.01 19.98
N THR A 288 -11.06 7.68 21.02
CA THR A 288 -11.44 7.03 22.21
C THR A 288 -11.50 7.96 23.43
N ALA A 289 -11.33 9.22 23.21
CA ALA A 289 -11.38 10.23 24.23
C ALA A 289 -11.66 11.57 23.52
N ASP A 290 -11.92 12.69 24.23
CA ASP A 290 -12.05 14.00 23.70
C ASP A 290 -10.61 14.49 23.60
N ILE A 291 -10.15 14.87 22.42
CA ILE A 291 -8.72 15.24 22.16
C ILE A 291 -8.65 16.47 21.28
N GLN A 292 -7.93 17.54 21.63
CA GLN A 292 -7.75 18.72 20.92
C GLN A 292 -6.78 18.47 19.79
N VAL A 293 -7.20 18.74 18.55
CA VAL A 293 -6.38 18.64 17.32
C VAL A 293 -6.52 19.93 16.60
N GLY A 294 -5.49 20.77 16.65
CA GLY A 294 -5.62 22.08 16.12
C GLY A 294 -6.66 22.92 16.78
N ASP A 295 -7.51 23.56 15.98
CA ASP A 295 -8.63 24.33 16.49
C ASP A 295 -9.86 23.49 16.74
N VAL A 296 -9.82 22.15 16.67
CA VAL A 296 -11.02 21.31 16.85
C VAL A 296 -10.83 20.43 18.06
N LEU A 297 -11.85 20.33 18.90
CA LEU A 297 -11.97 19.37 19.96
C LEU A 297 -12.65 18.16 19.33
N VAL A 298 -11.91 17.11 19.01
CA VAL A 298 -12.48 15.88 18.44
C VAL A 298 -13.15 15.16 19.59
N ARG A 299 -14.40 14.65 19.49
CA ARG A 299 -15.09 13.96 20.53
C ARG A 299 -14.93 12.51 20.50
N LYS A 300 -14.95 11.86 21.63
CA LYS A 300 -14.97 10.45 21.73
C LYS A 300 -16.05 9.85 20.74
N GLY A 301 -15.64 8.86 19.97
CA GLY A 301 -16.54 8.24 19.01
C GLY A 301 -16.54 8.75 17.62
N GLU A 302 -15.87 9.85 17.38
CA GLU A 302 -15.75 10.44 16.06
C GLU A 302 -14.62 9.82 15.24
N LEU A 303 -14.87 9.80 13.96
CA LEU A 303 -13.92 9.31 12.92
C LEU A 303 -13.01 10.47 12.49
N VAL A 304 -11.72 10.10 12.40
CA VAL A 304 -10.66 10.96 11.92
C VAL A 304 -10.01 10.28 10.74
N LEU A 305 -9.68 11.05 9.69
CA LEU A 305 -9.07 10.50 8.51
C LEU A 305 -7.76 11.34 8.33
N VAL A 306 -6.65 10.58 8.34
CA VAL A 306 -5.29 11.19 8.25
C VAL A 306 -4.88 11.16 6.78
N LEU A 307 -4.89 12.34 6.12
CA LEU A 307 -4.64 12.43 4.67
C LEU A 307 -3.10 12.32 4.36
N LEU A 308 -2.59 11.24 3.90
CA LEU A 308 -1.11 11.11 3.77
C LEU A 308 -0.55 12.19 2.85
N GLU A 309 -1.21 12.50 1.74
CA GLU A 309 -0.70 13.51 0.87
C GLU A 309 -0.82 14.88 1.47
N GLY A 310 -1.76 15.09 2.34
CA GLY A 310 -1.78 16.35 3.13
C GLY A 310 -0.42 16.59 3.86
N ALA A 311 -0.01 15.58 4.59
CA ALA A 311 1.29 15.66 5.27
C ALA A 311 2.42 15.73 4.31
N ASN A 312 2.44 14.89 3.25
CA ASN A 312 3.65 14.69 2.44
C ASN A 312 3.90 15.80 1.47
N PHE A 313 2.85 16.59 1.16
CA PHE A 313 3.00 17.81 0.36
C PHE A 313 2.94 19.08 1.18
N ASP A 314 3.07 19.01 2.47
CA ASP A 314 3.04 20.21 3.35
C ASP A 314 4.36 20.98 3.16
N PRO A 315 4.23 22.23 2.60
CA PRO A 315 5.52 22.98 2.38
C PRO A 315 6.22 23.39 3.63
N GLU A 316 5.54 23.47 4.76
CA GLU A 316 6.21 23.76 6.06
C GLU A 316 7.19 22.68 6.41
N HIS A 317 7.03 21.44 5.99
CA HIS A 317 7.92 20.34 6.20
C HIS A 317 8.84 19.94 5.07
N PHE A 318 8.30 20.05 3.81
CA PHE A 318 8.95 19.63 2.65
C PHE A 318 8.83 20.84 1.64
N PRO A 319 9.83 21.80 1.69
CA PRO A 319 9.75 22.91 0.84
C PRO A 319 9.79 22.44 -0.66
N ASN A 320 9.05 23.19 -1.49
CA ASN A 320 8.85 22.80 -2.90
C ASN A 320 8.33 21.37 -2.98
N PRO A 321 7.17 21.17 -2.31
CA PRO A 321 6.69 19.82 -2.10
C PRO A 321 6.42 18.98 -3.31
N GLY A 322 6.03 19.66 -4.41
CA GLY A 322 5.72 18.94 -5.59
C GLY A 322 6.88 18.50 -6.46
N SER A 323 8.10 18.95 -6.04
CA SER A 323 9.32 18.62 -6.80
C SER A 323 10.05 17.48 -6.16
N ILE A 324 10.54 16.56 -6.95
CA ILE A 324 11.41 15.47 -6.54
C ILE A 324 12.85 16.04 -6.46
N GLU A 325 13.30 16.13 -5.23
CA GLU A 325 14.67 16.61 -4.91
C GLU A 325 15.41 15.53 -4.18
N LEU A 326 16.58 15.08 -4.64
CA LEU A 326 17.23 13.92 -4.16
C LEU A 326 18.22 14.26 -2.97
N ASP A 327 18.25 15.49 -2.57
CA ASP A 327 19.19 15.99 -1.55
C ASP A 327 18.48 16.63 -0.40
N ARG A 328 17.22 16.17 -0.05
CA ARG A 328 16.55 16.76 1.04
C ARG A 328 17.26 16.31 2.39
N PRO A 329 17.15 17.18 3.44
CA PRO A 329 17.79 16.88 4.71
C PRO A 329 16.92 15.90 5.53
N ASN A 330 15.67 15.70 5.14
CA ASN A 330 14.70 14.96 5.92
C ASN A 330 14.00 13.89 5.03
N PRO A 331 14.74 13.15 4.22
CA PRO A 331 14.10 12.41 3.12
C PRO A 331 13.18 11.27 3.54
N THR A 332 13.42 10.56 4.63
CA THR A 332 12.56 9.44 5.07
C THR A 332 11.51 9.91 6.09
N SER A 333 11.31 11.17 6.31
CA SER A 333 10.41 11.64 7.29
C SER A 333 8.94 11.83 6.74
N HIS A 334 8.71 11.33 5.54
CA HIS A 334 7.34 11.31 4.98
C HIS A 334 6.56 10.27 5.70
N LEU A 335 5.24 10.33 5.45
CA LEU A 335 4.24 9.42 5.99
C LEU A 335 3.75 8.35 5.04
N ALA A 336 4.47 8.06 4.01
CA ALA A 336 3.98 7.00 3.01
C ALA A 336 3.76 5.66 3.60
N PHE A 337 4.48 5.32 4.68
CA PHE A 337 4.32 4.04 5.34
C PHE A 337 3.57 4.29 6.69
N GLY A 338 2.94 5.40 6.89
CA GLY A 338 2.34 5.71 8.18
C GLY A 338 3.41 6.11 9.21
N ARG A 339 2.99 6.05 10.45
CA ARG A 339 3.75 6.55 11.62
C ARG A 339 3.17 5.95 12.82
N GLY A 340 4.04 5.71 13.87
CA GLY A 340 3.52 5.29 15.15
C GLY A 340 3.27 3.80 15.22
N GLN A 341 2.30 3.44 16.07
CA GLN A 341 2.01 2.03 16.39
C GLN A 341 1.83 1.16 15.14
N HIS A 342 1.19 1.70 14.11
CA HIS A 342 0.83 0.95 12.92
C HIS A 342 1.65 1.16 11.67
N PHE A 343 2.86 1.72 11.88
CA PHE A 343 3.88 1.85 10.85
C PHE A 343 3.96 0.55 10.05
N CYS A 344 4.00 0.67 8.74
CA CYS A 344 3.94 -0.48 7.83
C CYS A 344 4.99 -1.56 8.21
N PRO A 345 4.64 -2.80 8.40
CA PRO A 345 5.68 -3.84 8.69
C PRO A 345 6.40 -4.27 7.46
N GLY A 346 5.96 -3.89 6.27
CA GLY A 346 6.55 -4.31 4.99
C GLY A 346 7.40 -3.22 4.30
N SER A 347 7.73 -2.15 5.02
CA SER A 347 8.32 -0.96 4.44
C SER A 347 9.60 -1.30 3.67
N ALA A 348 10.50 -2.04 4.29
CA ALA A 348 11.73 -2.37 3.56
C ALA A 348 11.56 -3.18 2.32
N LEU A 349 10.68 -4.15 2.35
CA LEU A 349 10.29 -4.94 1.25
C LEU A 349 9.68 -4.05 0.13
N GLY A 350 8.75 -3.14 0.52
CA GLY A 350 8.14 -2.22 -0.44
C GLY A 350 9.22 -1.38 -1.13
N ARG A 351 10.12 -0.79 -0.37
CA ARG A 351 11.22 -0.04 -0.98
C ARG A 351 12.03 -0.83 -1.92
N ARG A 352 12.41 -2.07 -1.57
CA ARG A 352 13.26 -2.90 -2.43
C ARG A 352 12.55 -3.29 -3.72
N HIS A 353 11.26 -3.68 -3.60
CA HIS A 353 10.48 -3.98 -4.76
C HIS A 353 10.51 -2.81 -5.79
N ALA A 354 10.30 -1.60 -5.33
CA ALA A 354 10.27 -0.47 -6.20
C ALA A 354 11.63 -0.21 -6.79
N GLN A 355 12.63 -0.26 -5.92
CA GLN A 355 14.05 -0.02 -6.43
C GLN A 355 14.46 -0.94 -7.48
N ILE A 356 14.22 -2.23 -7.28
CA ILE A 356 14.66 -3.21 -8.24
C ILE A 356 13.80 -3.14 -9.50
N GLY A 357 12.51 -2.93 -9.35
CA GLY A 357 11.67 -2.78 -10.56
C GLY A 357 12.09 -1.57 -11.41
N ILE A 358 12.32 -0.51 -10.76
CA ILE A 358 12.76 0.73 -11.48
C ILE A 358 14.12 0.49 -12.11
N GLU A 359 15.09 -0.06 -11.35
CA GLU A 359 16.44 -0.33 -11.93
C GLU A 359 16.32 -1.16 -13.17
N ALA A 360 15.54 -2.22 -13.13
CA ALA A 360 15.40 -3.17 -14.24
C ALA A 360 14.71 -2.43 -15.43
N LEU A 361 13.68 -1.62 -15.18
CA LEU A 361 12.98 -0.99 -16.27
C LEU A 361 13.86 0.01 -16.90
N LEU A 362 14.61 0.79 -16.12
CA LEU A 362 15.39 1.79 -16.75
C LEU A 362 16.55 1.21 -17.57
N LYS A 363 17.12 0.11 -17.15
CA LYS A 363 18.13 -0.59 -17.95
C LYS A 363 17.55 -1.17 -19.26
N LYS A 364 16.39 -1.80 -19.24
CA LYS A 364 15.79 -2.56 -20.36
C LYS A 364 15.03 -1.60 -21.31
N MET A 365 14.46 -0.53 -20.77
CA MET A 365 13.65 0.47 -21.53
C MET A 365 13.98 1.87 -21.14
N PRO A 366 15.26 2.34 -21.43
CA PRO A 366 15.63 3.65 -21.14
C PRO A 366 14.81 4.78 -21.83
N GLY A 367 14.23 4.43 -22.97
CA GLY A 367 13.31 5.38 -23.62
C GLY A 367 11.83 5.22 -23.23
N VAL A 368 11.50 4.57 -22.12
CA VAL A 368 10.11 4.39 -21.75
C VAL A 368 9.40 5.71 -21.78
N ASP A 369 8.14 5.71 -22.29
CA ASP A 369 7.29 6.89 -22.32
C ASP A 369 5.83 6.34 -22.40
N LEU A 370 4.90 7.20 -21.99
CA LEU A 370 3.45 6.82 -22.14
C LEU A 370 3.18 6.70 -23.61
N ALA A 371 2.32 5.76 -23.93
CA ALA A 371 1.87 5.51 -25.33
C ALA A 371 0.51 6.16 -25.64
N VAL A 372 -0.11 6.76 -24.63
CA VAL A 372 -1.34 7.49 -24.67
C VAL A 372 -1.19 8.80 -23.98
N PRO A 373 -1.98 9.84 -24.32
CA PRO A 373 -1.99 11.06 -23.50
C PRO A 373 -2.33 10.71 -22.12
N ILE A 374 -1.75 11.41 -21.15
CA ILE A 374 -1.95 11.04 -19.76
C ILE A 374 -3.37 11.11 -19.28
N ASP A 375 -4.20 11.99 -19.86
CA ASP A 375 -5.59 12.06 -19.44
C ASP A 375 -6.36 10.83 -19.89
N GLN A 376 -5.86 9.98 -20.78
CA GLN A 376 -6.54 8.75 -21.23
C GLN A 376 -6.38 7.63 -20.23
N LEU A 377 -5.56 7.77 -19.20
CA LEU A 377 -5.53 6.73 -18.17
C LEU A 377 -6.91 6.65 -17.44
N VAL A 378 -7.32 5.43 -17.10
CA VAL A 378 -8.66 5.21 -16.53
C VAL A 378 -8.42 4.98 -15.05
N TRP A 379 -8.85 5.82 -14.19
CA TRP A 379 -8.52 5.68 -12.71
C TRP A 379 -9.60 4.89 -11.98
N ARG A 380 -9.21 3.82 -11.32
CA ARG A 380 -10.14 2.96 -10.60
C ARG A 380 -10.88 3.77 -9.53
N THR A 381 -12.15 3.62 -9.41
CA THR A 381 -12.99 4.33 -8.45
C THR A 381 -13.39 3.40 -7.30
N ARG A 382 -13.74 4.05 -6.22
CA ARG A 382 -14.29 3.36 -5.09
C ARG A 382 -13.39 2.21 -4.62
N PHE A 383 -12.09 2.55 -4.52
CA PHE A 383 -11.03 1.57 -4.21
C PHE A 383 -10.13 2.20 -3.14
N GLN A 384 -9.41 1.36 -2.37
CA GLN A 384 -8.54 1.86 -1.35
C GLN A 384 -7.19 2.36 -1.92
N ARG A 385 -6.92 2.10 -3.16
CA ARG A 385 -5.77 2.61 -3.89
C ARG A 385 -6.21 3.39 -5.07
N ARG A 386 -5.37 4.29 -5.50
CA ARG A 386 -5.52 5.00 -6.77
C ARG A 386 -4.65 4.29 -7.79
N ILE A 387 -5.18 3.79 -8.87
CA ILE A 387 -4.45 3.10 -9.87
C ILE A 387 -5.09 3.18 -11.22
N PRO A 388 -4.28 3.30 -12.26
CA PRO A 388 -4.80 3.25 -13.61
C PRO A 388 -5.13 1.82 -13.98
N GLU A 389 -6.23 1.59 -14.71
CA GLU A 389 -6.62 0.23 -15.05
C GLU A 389 -5.61 -0.40 -15.97
N ARG A 390 -5.06 0.35 -16.86
CA ARG A 390 -3.97 0.00 -17.76
C ARG A 390 -2.95 1.13 -17.70
N LEU A 391 -1.68 0.79 -17.95
CA LEU A 391 -0.60 1.79 -18.08
C LEU A 391 0.13 1.56 -19.40
N PRO A 392 -0.45 2.10 -20.54
CA PRO A 392 0.15 1.76 -21.84
C PRO A 392 1.40 2.60 -22.08
N VAL A 393 2.51 1.91 -22.37
CA VAL A 393 3.83 2.58 -22.69
C VAL A 393 4.42 2.03 -23.98
N LEU A 394 5.41 2.84 -24.44
CA LEU A 394 6.25 2.47 -25.55
C LEU A 394 7.67 2.82 -25.10
N TRP A 395 8.69 2.48 -25.93
CA TRP A 395 10.09 2.70 -25.52
C TRP A 395 10.94 2.73 -26.79
#